data_5IU7
#
_entry.id   5IU7
#
_cell.length_a   39.384
_cell.length_b   180.036
_cell.length_c   139.835
_cell.angle_alpha   90.00
_cell.angle_beta   90.00
_cell.angle_gamma   90.00
#
_symmetry.space_group_name_H-M   'C 2 2 21'
#
loop_
_entity.id
_entity.type
_entity.pdbx_description
1 polymer 'Adenosine receptor A2a,Soluble cytochrome b562,Adenosine receptor A2a'
2 non-polymer 'SODIUM ION'
3 non-polymer 2-(furan-2-yl)-N~5~-[2-(4-phenylpiperidin-1-yl)ethyl][1,2,4]triazolo[1,5-a][1,3,5]triazine-5,7-diamine
4 non-polymer CHOLESTEROL
5 non-polymer 'OLEIC ACID'
6 non-polymer '(2S)-2,3-dihydroxypropyl (9Z)-octadec-9-enoate'
7 non-polymer '(2R)-2,3-dihydroxypropyl (9Z)-octadec-9-enoate'
8 water water
#
_entity_poly.entity_id   1
_entity_poly.type   'polypeptide(L)'
_entity_poly.pdbx_seq_one_letter_code
;DYKDDDDGAPPIMGSSVYITVELAIAVLAILGNVLVCWAVWLNSNLQNVTNYFVVSLAAADILVGVLAIPFAITISTGFC
AACHGCLFIACFVLVLAQSSIFSLLAIAIDRYIAIAIPLRYNGLVTGTRAAGIIAICWVLSFAIGLTPMLGWNNCGQPKE
GKAHSQGCGEGQVACLFEDVVPMNYMVYFNFFACVLVPLLLMLGVYLRIFAAARRQLADLEDNWETLNDNLKVIEKADNA
AQVKDALTKMRAAALDAQKATPPKLEDKSPDSPEMKDFRHGFDILVGQIDDALKLANEGKVKEAQAAAEQLKTTRNAYIQ
KYLERARSTLQKEVHAAKSAAIIAGLFALCWLPLHIINCFTFFCPDCSHAPLWLMYLAIVLAHTNSVVNPFIYAYRIREF
RQTFRKIIRSHVLRQQEPFKAAAHHHHHHHHHH
;
_entity_poly.pdbx_strand_id   A
#
# COMPACT_ATOMS: atom_id res chain seq x y z
N ASP A 6 35.32 -11.91 -28.46
CA ASP A 6 36.59 -12.23 -27.83
C ASP A 6 36.51 -13.50 -27.02
N ASP A 7 37.20 -13.50 -25.87
CA ASP A 7 37.17 -14.62 -24.95
C ASP A 7 35.82 -14.81 -24.28
N GLY A 8 34.92 -13.84 -24.44
CA GLY A 8 33.57 -13.98 -23.91
C GLY A 8 32.64 -14.62 -24.91
N ALA A 9 31.63 -15.32 -24.39
CA ALA A 9 30.64 -15.98 -25.22
C ALA A 9 29.94 -14.98 -26.13
N PRO A 10 29.40 -15.42 -27.26
CA PRO A 10 28.64 -14.52 -28.16
C PRO A 10 27.56 -13.79 -27.38
N PRO A 11 27.49 -12.46 -27.51
CA PRO A 11 26.52 -11.70 -26.70
C PRO A 11 25.08 -12.12 -26.90
N ILE A 12 24.71 -12.64 -28.06
CA ILE A 12 23.33 -13.03 -28.29
C ILE A 12 22.88 -14.18 -27.37
N MET A 13 23.81 -14.95 -26.81
CA MET A 13 23.38 -16.08 -25.99
C MET A 13 22.83 -15.60 -24.65
N GLY A 14 23.61 -14.81 -23.90
CA GLY A 14 23.09 -14.24 -22.67
C GLY A 14 21.93 -13.29 -22.93
N SER A 15 22.01 -12.53 -24.02
N SER A 15 22.00 -12.54 -24.03
CA SER A 15 20.91 -11.66 -24.41
CA SER A 15 20.89 -11.66 -24.39
C SER A 15 19.62 -12.44 -24.58
C SER A 15 19.60 -12.44 -24.59
N SER A 16 19.68 -13.61 -25.25
CA SER A 16 18.47 -14.40 -25.47
C SER A 16 17.84 -14.85 -24.17
N VAL A 17 18.65 -15.21 -23.17
CA VAL A 17 18.11 -15.62 -21.88
C VAL A 17 17.43 -14.43 -21.21
N TYR A 18 18.14 -13.30 -21.11
CA TYR A 18 17.58 -12.10 -20.52
C TYR A 18 16.26 -11.71 -21.19
N ILE A 19 16.23 -11.64 -22.52
CA ILE A 19 15.04 -11.22 -23.25
C ILE A 19 13.90 -12.20 -23.04
N THR A 20 14.19 -13.50 -23.05
CA THR A 20 13.13 -14.49 -22.86
C THR A 20 12.49 -14.35 -21.48
N VAL A 21 13.32 -14.15 -20.45
CA VAL A 21 12.81 -13.99 -19.09
C VAL A 21 11.97 -12.72 -19.01
N GLU A 22 12.47 -11.62 -19.59
CA GLU A 22 11.69 -10.37 -19.62
C GLU A 22 10.33 -10.57 -20.28
N LEU A 23 10.28 -11.24 -21.42
CA LEU A 23 9.01 -11.46 -22.09
C LEU A 23 8.06 -12.30 -21.25
N ALA A 24 8.57 -13.36 -20.60
CA ALA A 24 7.75 -14.14 -19.67
C ALA A 24 7.16 -13.25 -18.56
N ILE A 25 8.00 -12.41 -17.96
CA ILE A 25 7.50 -11.51 -16.93
C ILE A 25 6.43 -10.58 -17.49
N ALA A 26 6.65 -10.06 -18.70
CA ALA A 26 5.70 -9.11 -19.28
C ALA A 26 4.33 -9.75 -19.46
N VAL A 27 4.28 -10.99 -19.97
N VAL A 27 4.28 -11.00 -19.92
CA VAL A 27 3.02 -11.69 -20.15
CA VAL A 27 2.95 -11.60 -20.16
C VAL A 27 2.28 -11.82 -18.81
C VAL A 27 2.25 -11.93 -18.85
N LEU A 28 2.99 -12.27 -17.79
CA LEU A 28 2.36 -12.50 -16.50
C LEU A 28 1.91 -11.21 -15.85
N ALA A 29 2.70 -10.14 -16.00
CA ALA A 29 2.32 -8.84 -15.43
C ALA A 29 1.05 -8.32 -16.08
N ILE A 30 0.95 -8.45 -17.40
CA ILE A 30 -0.26 -8.04 -18.10
C ILE A 30 -1.45 -8.88 -17.64
N LEU A 31 -1.31 -10.20 -17.68
CA LEU A 31 -2.45 -11.06 -17.41
C LEU A 31 -3.00 -10.86 -16.00
N GLY A 32 -2.11 -10.86 -15.00
CA GLY A 32 -2.59 -10.78 -13.62
C GLY A 32 -3.22 -9.43 -13.31
N ASN A 33 -2.64 -8.37 -13.83
CA ASN A 33 -3.15 -7.06 -13.48
C ASN A 33 -4.37 -6.68 -14.31
N VAL A 34 -4.48 -7.17 -15.54
CA VAL A 34 -5.76 -7.05 -16.24
C VAL A 34 -6.86 -7.72 -15.43
N LEU A 35 -6.56 -8.88 -14.84
CA LEU A 35 -7.55 -9.56 -14.00
C LEU A 35 -7.95 -8.69 -12.81
N VAL A 36 -6.98 -8.02 -12.17
CA VAL A 36 -7.31 -7.12 -11.09
C VAL A 36 -8.30 -6.05 -11.55
N CYS A 37 -7.98 -5.38 -12.67
CA CYS A 37 -8.83 -4.30 -13.17
C CYS A 37 -10.20 -4.82 -13.56
N TRP A 38 -10.25 -6.01 -14.15
N TRP A 38 -10.27 -6.01 -14.15
CA TRP A 38 -11.50 -6.67 -14.52
CA TRP A 38 -11.57 -6.57 -14.51
C TRP A 38 -12.38 -6.91 -13.29
C TRP A 38 -12.41 -6.87 -13.26
N ALA A 39 -11.77 -7.38 -12.19
CA ALA A 39 -12.52 -7.66 -10.97
C ALA A 39 -13.15 -6.41 -10.39
N VAL A 40 -12.38 -5.32 -10.31
CA VAL A 40 -12.93 -4.09 -9.75
C VAL A 40 -14.05 -3.55 -10.62
N TRP A 41 -13.86 -3.59 -11.94
CA TRP A 41 -14.91 -3.14 -12.87
C TRP A 41 -16.20 -3.92 -12.67
N LEU A 42 -16.09 -5.23 -12.45
CA LEU A 42 -17.28 -6.08 -12.42
C LEU A 42 -17.98 -6.09 -11.08
N ASN A 43 -17.24 -6.01 -9.98
CA ASN A 43 -17.79 -6.30 -8.65
C ASN A 43 -17.96 -4.99 -7.88
N SER A 44 -19.22 -4.62 -7.61
N SER A 44 -19.22 -4.62 -7.63
CA SER A 44 -19.48 -3.39 -6.87
CA SER A 44 -19.49 -3.40 -6.86
C SER A 44 -18.95 -3.46 -5.45
C SER A 44 -18.90 -3.47 -5.47
N ASN A 45 -18.82 -4.67 -4.89
CA ASN A 45 -18.21 -4.81 -3.57
C ASN A 45 -16.72 -4.47 -3.58
N LEU A 46 -16.09 -4.41 -4.75
CA LEU A 46 -14.69 -4.00 -4.88
C LEU A 46 -14.54 -2.53 -5.26
N GLN A 47 -15.65 -1.81 -5.47
CA GLN A 47 -15.60 -0.43 -5.92
C GLN A 47 -15.64 0.51 -4.71
N ASN A 48 -14.44 0.85 -4.23
CA ASN A 48 -14.25 1.78 -3.14
C ASN A 48 -12.94 2.51 -3.41
N VAL A 49 -12.69 3.57 -2.64
CA VAL A 49 -11.54 4.43 -2.92
C VAL A 49 -10.24 3.66 -2.84
N THR A 50 -10.09 2.83 -1.81
CA THR A 50 -8.87 2.03 -1.68
C THR A 50 -8.56 1.32 -3.00
N ASN A 51 -9.55 0.66 -3.58
CA ASN A 51 -9.33 -0.11 -4.79
C ASN A 51 -9.22 0.75 -6.05
N TYR A 52 -9.59 2.03 -6.01
CA TYR A 52 -9.24 2.88 -7.16
C TYR A 52 -7.72 3.08 -7.25
N PHE A 53 -7.06 3.23 -6.09
CA PHE A 53 -5.60 3.26 -6.09
C PHE A 53 -5.01 1.90 -6.43
N VAL A 54 -5.65 0.82 -6.00
CA VAL A 54 -5.22 -0.52 -6.42
C VAL A 54 -5.25 -0.64 -7.95
N VAL A 55 -6.28 -0.09 -8.57
CA VAL A 55 -6.37 -0.13 -10.03
C VAL A 55 -5.30 0.75 -10.67
N SER A 56 -5.06 1.95 -10.12
CA SER A 56 -3.98 2.78 -10.65
CA SER A 56 -3.97 2.78 -10.64
C SER A 56 -2.65 2.03 -10.56
N LEU A 57 -2.44 1.27 -9.48
CA LEU A 57 -1.22 0.50 -9.34
C LEU A 57 -1.18 -0.65 -10.34
N ALA A 58 -2.32 -1.30 -10.58
CA ALA A 58 -2.37 -2.36 -11.58
C ALA A 58 -2.13 -1.80 -12.98
N ALA A 59 -2.61 -0.59 -13.24
CA ALA A 59 -2.36 0.04 -14.54
C ALA A 59 -0.87 0.30 -14.75
N ALA A 60 -0.16 0.78 -13.72
CA ALA A 60 1.28 0.96 -13.85
C ALA A 60 1.95 -0.37 -14.15
N ASP A 61 1.48 -1.44 -13.52
CA ASP A 61 2.11 -2.75 -13.73
C ASP A 61 1.76 -3.33 -15.10
N ILE A 62 0.55 -3.08 -15.62
CA ILE A 62 0.26 -3.44 -17.00
C ILE A 62 1.21 -2.71 -17.96
N LEU A 63 1.47 -1.44 -17.70
CA LEU A 63 2.38 -0.68 -18.57
C LEU A 63 3.83 -1.10 -18.41
N VAL A 64 4.20 -1.72 -17.29
CA VAL A 64 5.52 -2.34 -17.22
C VAL A 64 5.62 -3.45 -18.28
N GLY A 65 4.56 -4.25 -18.40
CA GLY A 65 4.58 -5.33 -19.39
C GLY A 65 4.50 -4.83 -20.83
N VAL A 66 3.64 -3.85 -21.08
N VAL A 66 3.63 -3.86 -21.11
CA VAL A 66 3.37 -3.40 -22.45
CA VAL A 66 3.46 -3.50 -22.52
C VAL A 66 4.49 -2.51 -22.98
C VAL A 66 4.53 -2.52 -23.00
N LEU A 67 5.08 -1.68 -22.13
CA LEU A 67 6.03 -0.65 -22.54
C LEU A 67 7.39 -0.76 -21.86
N ALA A 68 7.45 -0.80 -20.53
CA ALA A 68 8.77 -0.73 -19.88
C ALA A 68 9.62 -1.93 -20.21
N ILE A 69 9.03 -3.11 -20.31
CA ILE A 69 9.85 -4.29 -20.60
C ILE A 69 10.31 -4.25 -22.06
N PRO A 70 9.45 -4.00 -23.05
CA PRO A 70 9.99 -3.78 -24.40
C PRO A 70 11.07 -2.69 -24.44
N PHE A 71 10.95 -1.61 -23.65
CA PHE A 71 11.97 -0.57 -23.66
C PHE A 71 13.27 -1.09 -23.05
N ALA A 72 13.17 -1.88 -21.96
CA ALA A 72 14.35 -2.47 -21.35
C ALA A 72 15.06 -3.43 -22.29
N ILE A 73 14.30 -4.25 -23.02
CA ILE A 73 14.90 -5.13 -24.02
C ILE A 73 15.65 -4.30 -25.05
N THR A 74 15.03 -3.21 -25.51
CA THR A 74 15.63 -2.35 -26.53
C THR A 74 16.95 -1.73 -26.06
N ILE A 75 16.95 -1.19 -24.84
N ILE A 75 16.96 -1.16 -24.85
CA ILE A 75 18.14 -0.47 -24.35
CA ILE A 75 18.17 -0.48 -24.42
C ILE A 75 19.26 -1.42 -23.95
C ILE A 75 19.29 -1.46 -24.11
N SER A 76 18.96 -2.71 -23.79
CA SER A 76 20.02 -3.69 -23.53
C SER A 76 20.86 -3.94 -24.78
N THR A 77 20.35 -3.60 -25.97
CA THR A 77 21.14 -3.78 -27.19
C THR A 77 22.18 -2.67 -27.40
N GLY A 78 22.06 -1.53 -26.72
CA GLY A 78 22.98 -0.43 -27.00
C GLY A 78 22.81 0.17 -28.38
N PHE A 79 21.62 0.05 -28.97
CA PHE A 79 21.37 0.53 -30.33
C PHE A 79 21.66 2.03 -30.45
N CYS A 80 22.07 2.43 -31.65
CA CYS A 80 22.32 3.85 -31.95
C CYS A 80 21.03 4.65 -31.89
N ALA A 81 21.06 5.79 -31.22
CA ALA A 81 19.85 6.58 -31.07
C ALA A 81 20.21 8.03 -30.81
N ALA A 82 19.32 8.94 -31.22
CA ALA A 82 19.39 10.30 -30.72
C ALA A 82 19.27 10.27 -29.20
N CYS A 83 20.08 11.08 -28.52
CA CYS A 83 20.24 10.89 -27.08
C CYS A 83 18.94 11.12 -26.33
N HIS A 84 18.14 12.10 -26.76
CA HIS A 84 16.93 12.39 -25.99
C HIS A 84 15.85 11.33 -26.20
N GLY A 85 15.79 10.69 -27.36
CA GLY A 85 14.91 9.54 -27.49
C GLY A 85 15.40 8.37 -26.66
N CYS A 86 16.70 8.18 -26.59
CA CYS A 86 17.27 7.18 -25.70
C CYS A 86 16.86 7.44 -24.27
N LEU A 87 16.87 8.71 -23.86
N LEU A 87 16.86 8.71 -23.87
CA LEU A 87 16.49 9.04 -22.48
CA LEU A 87 16.52 9.06 -22.50
C LEU A 87 15.06 8.62 -22.20
C LEU A 87 15.06 8.73 -22.17
N PHE A 88 14.16 8.80 -23.17
CA PHE A 88 12.78 8.45 -22.91
C PHE A 88 12.63 6.94 -22.69
N ILE A 89 13.26 6.16 -23.58
N ILE A 89 13.27 6.12 -23.52
CA ILE A 89 13.33 4.70 -23.45
CA ILE A 89 13.10 4.70 -23.26
C ILE A 89 13.87 4.32 -22.08
C ILE A 89 13.92 4.23 -22.07
N ALA A 90 14.94 5.00 -21.64
CA ALA A 90 15.60 4.67 -20.39
C ALA A 90 14.74 5.02 -19.17
N CYS A 91 14.00 6.14 -19.24
CA CYS A 91 13.39 6.73 -18.05
C CYS A 91 11.90 6.44 -17.89
N PHE A 92 11.22 5.95 -18.92
CA PHE A 92 9.78 5.77 -18.76
C PHE A 92 9.45 4.81 -17.61
N VAL A 93 10.29 3.80 -17.37
CA VAL A 93 10.04 2.89 -16.25
C VAL A 93 10.06 3.64 -14.92
N LEU A 94 10.84 4.73 -14.82
CA LEU A 94 10.87 5.53 -13.60
C LEU A 94 9.53 6.22 -13.35
N VAL A 95 8.82 6.58 -14.42
CA VAL A 95 7.47 7.13 -14.29
C VAL A 95 6.54 6.10 -13.66
N LEU A 96 6.60 4.85 -14.15
CA LEU A 96 5.71 3.82 -13.63
C LEU A 96 6.06 3.45 -12.19
N ALA A 97 7.35 3.44 -11.87
CA ALA A 97 7.74 3.17 -10.49
C ALA A 97 7.28 4.30 -9.57
N GLN A 98 7.41 5.54 -10.04
CA GLN A 98 6.96 6.68 -9.23
C GLN A 98 5.45 6.65 -9.04
N SER A 99 4.70 6.35 -10.12
CA SER A 99 3.26 6.23 -9.99
C SER A 99 2.90 5.16 -8.96
N SER A 100 3.60 4.02 -8.99
CA SER A 100 3.36 2.95 -8.01
C SER A 100 3.58 3.45 -6.59
N ILE A 101 4.66 4.18 -6.37
CA ILE A 101 4.97 4.75 -5.05
CA ILE A 101 4.96 4.71 -5.05
C ILE A 101 3.83 5.63 -4.57
N PHE A 102 3.32 6.50 -5.46
CA PHE A 102 2.20 7.36 -5.08
C PHE A 102 0.96 6.54 -4.74
N SER A 103 0.66 5.51 -5.55
CA SER A 103 -0.51 4.67 -5.24
C SER A 103 -0.33 3.96 -3.90
N LEU A 104 0.86 3.40 -3.65
CA LEU A 104 1.12 2.70 -2.38
C LEU A 104 0.96 3.63 -1.20
N LEU A 105 1.46 4.86 -1.32
CA LEU A 105 1.34 5.84 -0.24
C LEU A 105 -0.11 6.25 -0.03
N ALA A 106 -0.87 6.38 -1.12
CA ALA A 106 -2.29 6.71 -0.99
C ALA A 106 -3.05 5.62 -0.30
N ILE A 107 -2.74 4.36 -0.61
CA ILE A 107 -3.41 3.23 0.03
C ILE A 107 -3.13 3.21 1.53
N ALA A 108 -1.88 3.48 1.93
CA ALA A 108 -1.54 3.52 3.36
C ALA A 108 -2.33 4.62 4.07
N ILE A 109 -2.32 5.82 3.49
CA ILE A 109 -3.03 6.95 4.09
C ILE A 109 -4.52 6.67 4.15
N ASP A 110 -5.08 6.13 3.07
CA ASP A 110 -6.51 5.78 3.07
C ASP A 110 -6.86 4.85 4.23
N ARG A 111 -6.02 3.84 4.48
CA ARG A 111 -6.33 2.92 5.56
C ARG A 111 -6.10 3.55 6.92
N TYR A 112 -5.19 4.52 7.02
CA TYR A 112 -5.01 5.26 8.28
C TYR A 112 -6.24 6.12 8.59
N ILE A 113 -6.75 6.85 7.60
CA ILE A 113 -7.96 7.64 7.83
C ILE A 113 -9.11 6.73 8.25
N ALA A 114 -9.20 5.54 7.66
CA ALA A 114 -10.31 4.64 7.94
C ALA A 114 -10.30 4.14 9.40
N ILE A 115 -9.11 3.91 9.96
N ILE A 115 -9.12 3.89 9.97
CA ILE A 115 -9.01 3.40 11.32
CA ILE A 115 -9.07 3.42 11.35
C ILE A 115 -8.99 4.52 12.37
C ILE A 115 -9.13 4.58 12.34
N ALA A 116 -8.51 5.70 12.01
CA ALA A 116 -8.37 6.79 12.97
C ALA A 116 -9.65 7.61 13.09
N ILE A 117 -10.33 7.84 11.98
CA ILE A 117 -11.56 8.62 12.03
C ILE A 117 -12.63 7.96 11.17
N PRO A 118 -13.09 6.76 11.54
CA PRO A 118 -14.10 6.07 10.73
C PRO A 118 -15.41 6.84 10.59
N LEU A 119 -15.73 7.75 11.51
CA LEU A 119 -16.99 8.48 11.44
C LEU A 119 -17.00 9.54 10.35
N ARG A 120 -15.84 10.02 9.90
CA ARG A 120 -15.78 11.01 8.84
C ARG A 120 -15.06 10.52 7.60
N TYR A 121 -14.72 9.23 7.54
CA TYR A 121 -14.00 8.70 6.39
C TYR A 121 -14.82 8.85 5.11
N ASN A 122 -16.09 8.41 5.14
CA ASN A 122 -16.90 8.43 3.92
C ASN A 122 -17.17 9.84 3.42
N GLY A 123 -17.29 10.82 4.32
CA GLY A 123 -17.40 12.20 3.90
C GLY A 123 -16.11 12.83 3.42
N LEU A 124 -14.97 12.32 3.88
CA LEU A 124 -13.68 12.92 3.54
C LEU A 124 -13.07 12.30 2.29
N VAL A 125 -13.07 10.97 2.21
CA VAL A 125 -12.42 10.24 1.14
C VAL A 125 -13.52 9.76 0.19
N THR A 126 -13.70 10.48 -0.92
CA THR A 126 -14.71 10.12 -1.89
C THR A 126 -14.07 9.63 -3.18
N GLY A 127 -14.88 8.96 -4.01
CA GLY A 127 -14.40 8.51 -5.30
C GLY A 127 -13.95 9.65 -6.19
N THR A 128 -14.70 10.75 -6.18
CA THR A 128 -14.35 11.90 -7.03
C THR A 128 -13.03 12.51 -6.62
N ARG A 129 -12.79 12.67 -5.32
CA ARG A 129 -11.50 13.19 -4.88
C ARG A 129 -10.38 12.20 -5.18
N ALA A 130 -10.65 10.90 -5.07
CA ALA A 130 -9.63 9.90 -5.36
C ALA A 130 -9.21 9.97 -6.83
N ALA A 131 -10.16 10.12 -7.75
CA ALA A 131 -9.79 10.20 -9.16
C ALA A 131 -8.95 11.44 -9.43
N GLY A 132 -9.26 12.56 -8.77
CA GLY A 132 -8.42 13.74 -8.91
C GLY A 132 -7.02 13.52 -8.40
N ILE A 133 -6.88 12.88 -7.23
CA ILE A 133 -5.56 12.59 -6.68
C ILE A 133 -4.79 11.68 -7.62
N ILE A 134 -5.45 10.64 -8.15
CA ILE A 134 -4.80 9.71 -9.06
C ILE A 134 -4.26 10.44 -10.28
N ALA A 135 -5.08 11.32 -10.88
CA ALA A 135 -4.63 12.08 -12.06
C ALA A 135 -3.41 12.95 -11.72
N ILE A 136 -3.48 13.66 -10.60
CA ILE A 136 -2.37 14.52 -10.18
C ILE A 136 -1.12 13.70 -9.98
N CYS A 137 -1.25 12.52 -9.36
CA CYS A 137 -0.09 11.70 -9.11
C CYS A 137 0.54 11.17 -10.40
N TRP A 138 -0.28 10.86 -11.42
CA TRP A 138 0.29 10.45 -12.71
C TRP A 138 1.06 11.59 -13.37
N VAL A 139 0.53 12.81 -13.30
CA VAL A 139 1.25 13.95 -13.86
C VAL A 139 2.59 14.13 -13.13
N LEU A 140 2.56 14.08 -11.80
CA LEU A 140 3.79 14.24 -11.04
C LEU A 140 4.78 13.11 -11.32
N SER A 141 4.27 11.91 -11.58
N SER A 141 4.26 11.91 -11.62
CA SER A 141 5.15 10.78 -11.90
CA SER A 141 5.15 10.79 -11.90
C SER A 141 5.87 10.99 -13.22
C SER A 141 5.87 10.98 -13.23
N PHE A 142 5.20 11.57 -14.22
CA PHE A 142 5.89 11.89 -15.47
C PHE A 142 6.96 12.94 -15.24
N ALA A 143 6.64 13.98 -14.45
CA ALA A 143 7.61 15.04 -14.20
C ALA A 143 8.84 14.51 -13.47
N ILE A 144 8.64 13.68 -12.45
CA ILE A 144 9.76 13.11 -11.68
C ILE A 144 10.57 12.13 -12.53
N GLY A 145 9.90 11.18 -13.18
CA GLY A 145 10.62 10.14 -13.91
C GLY A 145 11.26 10.63 -15.19
N LEU A 146 10.69 11.67 -15.82
CA LEU A 146 11.30 12.23 -17.03
C LEU A 146 12.10 13.50 -16.74
N THR A 147 12.41 13.78 -15.48
CA THR A 147 13.27 14.92 -15.18
C THR A 147 14.58 14.95 -15.97
N PRO A 148 15.24 13.81 -16.26
CA PRO A 148 16.42 13.87 -17.13
C PRO A 148 16.17 14.46 -18.53
N MET A 149 14.96 14.30 -19.08
N MET A 149 14.95 14.33 -19.06
CA MET A 149 14.61 14.93 -20.35
CA MET A 149 14.63 14.90 -20.37
C MET A 149 14.52 16.44 -20.23
C MET A 149 14.59 16.42 -20.34
N LEU A 150 14.44 16.97 -19.01
N LEU A 150 14.42 17.02 -19.17
CA LEU A 150 14.44 18.41 -18.75
CA LEU A 150 14.44 18.48 -19.05
C LEU A 150 15.84 18.98 -18.65
C LEU A 150 15.86 19.03 -19.02
N GLY A 151 16.87 18.17 -18.89
CA GLY A 151 18.24 18.64 -18.96
C GLY A 151 19.20 18.01 -17.97
N TRP A 152 18.71 17.20 -17.03
CA TRP A 152 19.60 16.52 -16.09
C TRP A 152 19.98 15.19 -16.73
N ASN A 153 20.88 15.28 -17.71
CA ASN A 153 21.24 14.10 -18.50
C ASN A 153 22.70 14.23 -18.94
N ASN A 154 23.23 13.15 -19.51
CA ASN A 154 24.60 13.15 -20.01
C ASN A 154 24.67 13.38 -21.52
N CYS A 155 23.60 13.92 -22.12
CA CYS A 155 23.57 14.06 -23.57
C CYS A 155 24.56 15.10 -24.07
N GLY A 156 24.91 16.07 -23.23
CA GLY A 156 25.96 17.03 -23.56
C GLY A 156 27.36 16.46 -23.57
N GLN A 157 27.57 15.26 -23.03
CA GLN A 157 28.88 14.61 -23.00
C GLN A 157 28.80 13.22 -23.61
N PRO A 158 28.51 13.12 -24.91
CA PRO A 158 28.37 11.81 -25.52
C PRO A 158 29.70 11.04 -25.51
N LYS A 159 29.59 9.73 -25.35
CA LYS A 159 30.74 8.82 -25.44
C LYS A 159 31.01 8.61 -26.91
N GLU A 160 31.87 9.46 -27.47
CA GLU A 160 32.06 9.50 -28.92
C GLU A 160 32.78 8.27 -29.44
N GLY A 161 33.78 7.79 -28.69
CA GLY A 161 34.49 6.58 -29.12
C GLY A 161 33.57 5.39 -29.22
N LYS A 162 32.65 5.25 -28.26
CA LYS A 162 31.68 4.15 -28.32
C LYS A 162 30.70 4.34 -29.47
N ALA A 163 30.21 5.57 -29.67
CA ALA A 163 29.33 5.84 -30.81
C ALA A 163 30.01 5.49 -32.13
N HIS A 164 31.28 5.90 -32.28
CA HIS A 164 32.00 5.63 -33.52
C HIS A 164 32.23 4.14 -33.72
N SER A 165 32.63 3.42 -32.66
CA SER A 165 32.89 1.99 -32.83
C SER A 165 31.65 1.23 -33.26
N GLN A 166 30.48 1.71 -32.88
N GLN A 166 30.47 1.70 -32.86
CA GLN A 166 29.22 1.07 -33.25
CA GLN A 166 29.22 1.07 -33.25
C GLN A 166 28.66 1.59 -34.56
C GLN A 166 28.65 1.59 -34.56
N GLY A 167 29.37 2.50 -35.24
CA GLY A 167 28.89 3.03 -36.49
C GLY A 167 27.70 3.96 -36.37
N CYS A 168 27.47 4.56 -35.20
CA CYS A 168 26.35 5.47 -35.03
C CYS A 168 26.50 6.69 -35.92
N GLY A 169 25.38 7.29 -36.27
CA GLY A 169 25.39 8.49 -37.08
C GLY A 169 25.69 9.72 -36.26
N GLU A 170 25.91 10.82 -36.99
CA GLU A 170 26.18 12.10 -36.34
C GLU A 170 25.03 12.50 -35.44
N GLY A 171 25.36 12.92 -34.24
CA GLY A 171 24.36 13.28 -33.25
C GLY A 171 23.73 12.11 -32.53
N GLN A 172 24.18 10.88 -32.78
CA GLN A 172 23.64 9.71 -32.10
C GLN A 172 24.64 9.16 -31.09
N VAL A 173 24.12 8.41 -30.12
CA VAL A 173 24.93 7.70 -29.15
C VAL A 173 24.48 6.24 -29.08
N ALA A 174 25.38 5.39 -28.61
CA ALA A 174 24.95 4.07 -28.17
C ALA A 174 23.99 4.24 -27.00
N CYS A 175 22.77 3.72 -27.14
CA CYS A 175 21.74 3.95 -26.13
C CYS A 175 21.94 2.94 -25.00
N LEU A 176 22.63 3.39 -23.94
CA LEU A 176 22.95 2.59 -22.77
C LEU A 176 22.57 3.38 -21.53
N PHE A 177 21.90 2.72 -20.59
CA PHE A 177 21.28 3.42 -19.45
C PHE A 177 22.27 4.32 -18.74
N GLU A 178 23.42 3.78 -18.30
CA GLU A 178 24.34 4.56 -17.50
C GLU A 178 25.14 5.56 -18.33
N ASP A 179 25.11 5.47 -19.66
CA ASP A 179 25.76 6.51 -20.44
C ASP A 179 24.91 7.77 -20.52
N VAL A 180 23.59 7.66 -20.50
CA VAL A 180 22.73 8.82 -20.71
C VAL A 180 22.08 9.34 -19.42
N VAL A 181 21.77 8.47 -18.45
CA VAL A 181 21.08 8.88 -17.23
C VAL A 181 22.13 9.15 -16.15
N PRO A 182 22.21 10.38 -15.62
CA PRO A 182 23.24 10.66 -14.60
C PRO A 182 23.00 9.86 -13.33
N MET A 183 24.10 9.36 -12.76
N MET A 183 24.10 9.34 -12.76
CA MET A 183 23.94 8.56 -11.54
CA MET A 183 23.98 8.57 -11.54
C MET A 183 23.64 9.43 -10.33
C MET A 183 23.61 9.45 -10.35
N ASN A 184 24.06 10.70 -10.30
CA ASN A 184 23.63 11.57 -9.20
C ASN A 184 22.11 11.74 -9.21
N TYR A 185 21.50 11.87 -10.40
CA TYR A 185 20.03 11.83 -10.49
C TYR A 185 19.50 10.53 -9.92
N MET A 186 20.08 9.39 -10.33
CA MET A 186 19.50 8.11 -9.94
C MET A 186 19.59 7.89 -8.43
N VAL A 187 20.65 8.37 -7.79
CA VAL A 187 20.86 8.11 -6.37
C VAL A 187 20.21 9.16 -5.48
N TYR A 188 20.52 10.45 -5.72
CA TYR A 188 20.01 11.48 -4.81
C TYR A 188 18.55 11.79 -5.06
N PHE A 189 18.17 11.96 -6.32
CA PHE A 189 16.85 12.45 -6.66
C PHE A 189 15.88 11.28 -6.77
N ASN A 190 16.18 10.30 -7.62
CA ASN A 190 15.22 9.23 -7.79
C ASN A 190 15.19 8.35 -6.54
N PHE A 191 16.34 7.83 -6.09
CA PHE A 191 16.32 6.88 -4.98
C PHE A 191 16.05 7.58 -3.66
N PHE A 192 16.94 8.46 -3.22
CA PHE A 192 16.81 9.01 -1.87
C PHE A 192 15.52 9.80 -1.72
N ALA A 193 15.29 10.76 -2.63
CA ALA A 193 14.18 11.69 -2.43
C ALA A 193 12.84 11.08 -2.84
N CYS A 194 12.79 10.42 -3.99
CA CYS A 194 11.52 10.06 -4.60
C CYS A 194 11.09 8.62 -4.29
N VAL A 195 11.99 7.78 -3.80
CA VAL A 195 11.65 6.40 -3.47
C VAL A 195 11.82 6.13 -1.98
N LEU A 196 13.03 6.37 -1.46
N LEU A 196 13.03 6.35 -1.47
CA LEU A 196 13.31 6.00 -0.08
CA LEU A 196 13.34 6.03 -0.07
C LEU A 196 12.47 6.82 0.91
C LEU A 196 12.44 6.81 0.87
N VAL A 197 12.41 8.14 0.72
CA VAL A 197 11.61 8.96 1.63
C VAL A 197 10.14 8.55 1.62
N PRO A 198 9.47 8.37 0.46
CA PRO A 198 8.07 7.89 0.52
C PRO A 198 7.92 6.52 1.15
N LEU A 199 8.86 5.60 0.91
CA LEU A 199 8.74 4.29 1.54
C LEU A 199 8.86 4.40 3.06
N LEU A 200 9.78 5.25 3.55
CA LEU A 200 9.90 5.44 5.00
C LEU A 200 8.65 6.11 5.56
N LEU A 201 8.06 7.06 4.81
CA LEU A 201 6.78 7.63 5.18
C LEU A 201 5.69 6.56 5.27
N MET A 202 5.61 5.68 4.28
CA MET A 202 4.65 4.59 4.32
C MET A 202 4.83 3.75 5.57
N LEU A 203 6.08 3.42 5.88
CA LEU A 203 6.37 2.64 7.08
C LEU A 203 5.83 3.34 8.32
N GLY A 204 6.05 4.66 8.42
CA GLY A 204 5.49 5.41 9.54
C GLY A 204 3.97 5.36 9.58
N VAL A 205 3.32 5.49 8.42
CA VAL A 205 1.86 5.40 8.36
C VAL A 205 1.39 4.02 8.83
N TYR A 206 2.01 2.96 8.34
CA TYR A 206 1.59 1.61 8.77
C TYR A 206 1.83 1.40 10.27
N LEU A 207 2.95 1.89 10.80
CA LEU A 207 3.15 1.83 12.25
C LEU A 207 2.01 2.52 13.00
N ARG A 208 1.59 3.69 12.51
CA ARG A 208 0.47 4.39 13.15
C ARG A 208 -0.83 3.59 13.02
N ILE A 209 -1.06 2.97 11.86
CA ILE A 209 -2.29 2.18 11.69
C ILE A 209 -2.35 1.06 12.71
N PHE A 210 -1.27 0.29 12.81
CA PHE A 210 -1.27 -0.84 13.73
C PHE A 210 -1.31 -0.39 15.18
N ALA A 211 -0.64 0.73 15.52
CA ALA A 211 -0.74 1.23 16.88
C ALA A 211 -2.15 1.70 17.22
N ALA A 212 -2.84 2.32 16.26
CA ALA A 212 -4.20 2.77 16.53
C ALA A 212 -5.16 1.59 16.68
N ALA A 213 -4.98 0.54 15.88
CA ALA A 213 -5.81 -0.65 16.02
C ALA A 213 -5.61 -1.30 17.39
N ARG A 214 -4.36 -1.42 17.82
CA ARG A 214 -4.07 -2.05 19.10
C ARG A 214 -4.63 -1.24 20.26
N ARG A 215 -4.55 0.09 20.16
CA ARG A 215 -5.11 0.96 21.18
C ARG A 215 -6.64 0.86 21.20
N GLN A 216 -7.28 0.81 20.03
CA GLN A 216 -8.73 0.77 20.01
C GLN A 216 -9.26 -0.57 20.50
N LEU A 217 -8.57 -1.66 20.18
N LEU A 217 -8.56 -1.66 20.20
CA LEU A 217 -8.94 -2.96 20.71
CA LEU A 217 -8.95 -2.96 20.71
C LEU A 217 -8.82 -3.01 22.22
C LEU A 217 -8.82 -3.03 22.23
N ALA A 218 -7.73 -2.44 22.76
CA ALA A 218 -7.54 -2.41 24.21
C ALA A 218 -8.59 -1.55 24.88
N ASP A 219 -9.01 -0.45 24.24
CA ASP A 219 -10.06 0.37 24.81
C ASP A 219 -11.39 -0.38 24.85
N LEU A 220 -11.67 -1.20 23.83
CA LEU A 220 -12.87 -2.02 23.84
C LEU A 220 -12.87 -2.99 25.03
N GLU A 221 -11.76 -3.71 25.22
CA GLU A 221 -11.68 -4.64 26.32
C GLU A 221 -11.65 -3.93 27.67
N ASP A 222 -11.05 -2.75 27.74
CA ASP A 222 -11.06 -1.99 28.99
C ASP A 222 -12.48 -1.57 29.38
N ASN A 223 -13.28 -1.12 28.41
CA ASN A 223 -14.66 -0.76 28.73
C ASN A 223 -15.46 -1.96 29.19
N TRP A 224 -15.24 -3.12 28.54
CA TRP A 224 -15.93 -4.34 28.92
C TRP A 224 -15.55 -4.78 30.33
N GLU A 225 -14.25 -4.76 30.65
CA GLU A 225 -13.81 -5.11 32.00
C GLU A 225 -14.38 -4.15 33.02
N THR A 226 -14.38 -2.85 32.73
CA THR A 226 -14.91 -1.86 33.67
C THR A 226 -16.39 -2.12 33.94
N LEU A 227 -17.15 -2.49 32.92
CA LEU A 227 -18.56 -2.80 33.11
C LEU A 227 -18.73 -3.96 34.08
N ASN A 228 -17.95 -5.02 33.91
CA ASN A 228 -18.12 -6.21 34.74
C ASN A 228 -17.54 -6.03 36.14
N ASP A 229 -16.40 -5.34 36.25
CA ASP A 229 -15.83 -5.06 37.56
C ASP A 229 -16.80 -4.24 38.41
N ASN A 230 -17.34 -3.17 37.84
CA ASN A 230 -18.22 -2.30 38.62
C ASN A 230 -19.54 -2.99 38.95
N LEU A 231 -19.98 -3.95 38.14
CA LEU A 231 -21.11 -4.79 38.52
C LEU A 231 -20.81 -5.56 39.80
N LYS A 232 -19.62 -6.16 39.89
CA LYS A 232 -19.22 -6.86 41.11
C LYS A 232 -19.15 -5.89 42.30
N VAL A 233 -18.58 -4.70 42.08
CA VAL A 233 -18.48 -3.70 43.15
C VAL A 233 -19.86 -3.42 43.73
N ILE A 234 -20.86 -3.28 42.88
CA ILE A 234 -22.22 -3.00 43.34
C ILE A 234 -22.78 -4.20 44.11
N GLU A 235 -22.51 -5.41 43.64
CA GLU A 235 -23.11 -6.59 44.26
C GLU A 235 -22.63 -6.77 45.70
N LYS A 236 -21.36 -6.47 45.97
CA LYS A 236 -20.82 -6.62 47.31
C LYS A 236 -20.64 -5.29 48.04
N ALA A 237 -21.27 -4.23 47.54
CA ALA A 237 -21.33 -2.99 48.30
C ALA A 237 -22.18 -3.19 49.56
N ASP A 238 -21.97 -2.32 50.54
CA ASP A 238 -22.73 -2.38 51.78
C ASP A 238 -23.45 -1.07 52.11
N ASN A 239 -23.27 -0.02 51.31
CA ASN A 239 -24.02 1.21 51.52
C ASN A 239 -24.32 1.84 50.16
N ALA A 240 -25.24 2.81 50.18
CA ALA A 240 -25.72 3.40 48.93
C ALA A 240 -24.66 4.25 48.26
N ALA A 241 -23.73 4.82 49.02
CA ALA A 241 -22.69 5.65 48.41
C ALA A 241 -21.77 4.84 47.51
N GLN A 242 -21.44 3.61 47.92
CA GLN A 242 -20.57 2.76 47.10
C GLN A 242 -21.25 2.36 45.81
N VAL A 243 -22.54 2.01 45.87
CA VAL A 243 -23.28 1.71 44.66
C VAL A 243 -23.31 2.92 43.74
N LYS A 244 -23.52 4.12 44.32
CA LYS A 244 -23.60 5.32 43.50
C LYS A 244 -22.28 5.58 42.77
N ASP A 245 -21.16 5.49 43.48
CA ASP A 245 -19.86 5.70 42.85
C ASP A 245 -19.65 4.74 41.68
N ALA A 246 -19.99 3.47 41.87
CA ALA A 246 -19.81 2.50 40.79
C ALA A 246 -20.72 2.81 39.62
N LEU A 247 -21.98 3.17 39.89
CA LEU A 247 -22.94 3.45 38.81
C LEU A 247 -22.56 4.71 38.04
N THR A 248 -22.03 5.72 38.72
N THR A 248 -22.04 5.72 38.74
CA THR A 248 -21.62 6.94 38.01
CA THR A 248 -21.61 6.94 38.06
C THR A 248 -20.48 6.65 37.05
C THR A 248 -20.49 6.65 37.07
N LYS A 249 -19.54 5.79 37.45
CA LYS A 249 -18.49 5.38 36.53
C LYS A 249 -19.02 4.51 35.41
N MET A 250 -20.05 3.69 35.69
CA MET A 250 -20.63 2.87 34.63
C MET A 250 -21.39 3.72 33.62
N ARG A 251 -22.07 4.77 34.07
CA ARG A 251 -22.84 5.59 33.14
C ARG A 251 -21.92 6.33 32.18
N ALA A 252 -20.81 6.87 32.69
CA ALA A 252 -19.84 7.53 31.82
C ALA A 252 -19.27 6.57 30.80
N ALA A 253 -18.93 5.35 31.23
CA ALA A 253 -18.38 4.36 30.30
C ALA A 253 -19.40 3.97 29.23
N ALA A 254 -20.66 3.78 29.62
CA ALA A 254 -21.69 3.39 28.66
C ALA A 254 -21.83 4.43 27.55
N LEU A 255 -21.92 5.70 27.93
CA LEU A 255 -21.94 6.77 26.93
C LEU A 255 -20.66 6.79 26.11
N ASP A 256 -19.52 6.48 26.76
CA ASP A 256 -18.25 6.45 26.05
C ASP A 256 -18.20 5.27 25.07
N ALA A 257 -18.79 4.13 25.45
CA ALA A 257 -18.87 3.00 24.53
C ALA A 257 -19.91 3.22 23.44
N GLN A 258 -20.93 4.05 23.71
CA GLN A 258 -21.94 4.33 22.70
C GLN A 258 -21.35 5.12 21.53
N LYS A 259 -20.39 5.98 21.79
CA LYS A 259 -19.73 6.76 20.74
C LYS A 259 -18.91 5.85 19.82
N MET A 275 -27.50 -1.25 13.85
CA MET A 275 -27.37 0.01 14.56
C MET A 275 -28.65 0.36 15.33
N LYS A 276 -29.79 -0.12 14.84
CA LYS A 276 -31.04 0.11 15.55
C LYS A 276 -31.13 -0.77 16.78
N ASP A 277 -30.72 -2.03 16.68
CA ASP A 277 -30.63 -2.89 17.84
C ASP A 277 -29.41 -2.55 18.69
N PHE A 278 -28.39 -1.95 18.10
CA PHE A 278 -27.26 -1.42 18.86
C PHE A 278 -27.70 -0.24 19.72
N ARG A 279 -28.44 0.70 19.12
CA ARG A 279 -28.86 1.88 19.86
C ARG A 279 -29.89 1.53 20.93
N HIS A 280 -30.77 0.58 20.65
CA HIS A 280 -31.73 0.15 21.66
C HIS A 280 -31.02 -0.46 22.86
N GLY A 281 -29.94 -1.22 22.61
CA GLY A 281 -29.20 -1.84 23.70
C GLY A 281 -28.57 -0.82 24.61
N PHE A 282 -27.89 0.18 24.03
CA PHE A 282 -27.29 1.21 24.87
C PHE A 282 -28.34 2.11 25.50
N ASP A 283 -29.47 2.34 24.81
CA ASP A 283 -30.58 3.06 25.42
C ASP A 283 -31.09 2.35 26.67
N ILE A 284 -31.25 1.02 26.59
CA ILE A 284 -31.66 0.24 27.75
C ILE A 284 -30.63 0.36 28.86
N LEU A 285 -29.35 0.18 28.51
CA LEU A 285 -28.28 0.14 29.51
C LEU A 285 -28.22 1.45 30.30
N VAL A 286 -28.21 2.58 29.60
CA VAL A 286 -28.14 3.86 30.30
C VAL A 286 -29.39 4.07 31.15
N GLY A 287 -30.56 3.76 30.60
CA GLY A 287 -31.79 3.90 31.37
C GLY A 287 -31.77 3.06 32.64
N GLN A 288 -31.28 1.83 32.52
CA GLN A 288 -31.22 0.96 33.69
C GLN A 288 -30.20 1.45 34.71
N ILE A 289 -29.09 2.03 34.24
CA ILE A 289 -28.14 2.66 35.16
C ILE A 289 -28.80 3.85 35.85
N ASP A 290 -29.54 4.66 35.09
CA ASP A 290 -30.27 5.78 35.70
C ASP A 290 -31.27 5.28 36.75
N ASP A 291 -31.98 4.19 36.46
CA ASP A 291 -32.92 3.63 37.43
C ASP A 291 -32.21 3.33 38.75
N ALA A 292 -31.09 2.60 38.67
CA ALA A 292 -30.35 2.22 39.86
C ALA A 292 -29.71 3.43 40.54
N LEU A 293 -29.26 4.41 39.76
N LEU A 293 -29.25 4.40 39.76
CA LEU A 293 -28.66 5.60 40.34
CA LEU A 293 -28.66 5.60 40.34
C LEU A 293 -29.68 6.42 41.12
C LEU A 293 -29.70 6.38 41.15
N LYS A 294 -30.93 6.45 40.65
CA LYS A 294 -31.98 7.15 41.39
C LYS A 294 -32.27 6.44 42.72
N LEU A 295 -32.35 5.10 42.69
CA LEU A 295 -32.56 4.36 43.93
C LEU A 295 -31.39 4.55 44.90
N ALA A 296 -30.16 4.55 44.37
CA ALA A 296 -29.00 4.75 45.22
C ALA A 296 -29.03 6.12 45.89
N ASN A 297 -29.36 7.17 45.12
CA ASN A 297 -29.43 8.52 45.66
C ASN A 297 -30.48 8.65 46.76
N GLU A 298 -31.51 7.81 46.74
CA GLU A 298 -32.50 7.79 47.80
C GLU A 298 -32.06 6.95 49.00
N GLY A 299 -30.88 6.34 48.94
CA GLY A 299 -30.42 5.52 50.04
C GLY A 299 -31.06 4.15 50.12
N LYS A 300 -31.55 3.63 49.00
CA LYS A 300 -32.20 2.32 48.95
C LYS A 300 -31.21 1.32 48.34
N VAL A 301 -30.34 0.77 49.20
CA VAL A 301 -29.21 -0.03 48.71
C VAL A 301 -29.69 -1.33 48.07
N LYS A 302 -30.48 -2.11 48.81
CA LYS A 302 -30.95 -3.39 48.29
C LYS A 302 -31.71 -3.22 46.98
N GLU A 303 -32.56 -2.19 46.91
CA GLU A 303 -33.34 -1.95 45.70
C GLU A 303 -32.44 -1.49 44.55
N ALA A 304 -31.41 -0.70 44.87
CA ALA A 304 -30.45 -0.27 43.85
C ALA A 304 -29.65 -1.45 43.32
N GLN A 305 -29.22 -2.36 44.20
CA GLN A 305 -28.44 -3.52 43.77
C GLN A 305 -29.26 -4.46 42.89
N ALA A 306 -30.51 -4.71 43.27
CA ALA A 306 -31.38 -5.52 42.42
C ALA A 306 -31.60 -4.86 41.06
N ALA A 307 -31.77 -3.53 41.05
CA ALA A 307 -31.92 -2.83 39.78
C ALA A 307 -30.67 -2.94 38.93
N ALA A 308 -29.49 -2.92 39.56
CA ALA A 308 -28.24 -3.04 38.82
C ALA A 308 -28.04 -4.46 38.29
N GLU A 309 -28.69 -5.45 38.89
CA GLU A 309 -28.60 -6.82 38.39
C GLU A 309 -29.29 -6.96 37.04
N GLN A 310 -30.28 -6.10 36.76
CA GLN A 310 -30.94 -6.12 35.46
C GLN A 310 -29.97 -5.80 34.34
N LEU A 311 -28.92 -5.04 34.64
CA LEU A 311 -27.92 -4.72 33.62
C LEU A 311 -27.33 -5.97 32.99
N LYS A 312 -27.29 -7.08 33.72
CA LYS A 312 -26.67 -8.30 33.17
C LYS A 312 -27.47 -8.83 31.98
N THR A 313 -28.80 -8.70 32.03
CA THR A 313 -29.60 -9.13 30.89
C THR A 313 -29.31 -8.28 29.67
N THR A 314 -29.19 -6.96 29.85
CA THR A 314 -28.84 -6.09 28.74
C THR A 314 -27.43 -6.40 28.23
N ARG A 315 -26.50 -6.66 29.16
CA ARG A 315 -25.13 -6.94 28.78
C ARG A 315 -25.04 -8.19 27.92
N ASN A 316 -25.75 -9.25 28.30
CA ASN A 316 -25.70 -10.49 27.54
C ASN A 316 -26.41 -10.35 26.20
N ALA A 317 -27.55 -9.66 26.17
CA ALA A 317 -28.40 -9.66 24.98
C ALA A 317 -28.01 -8.60 23.95
N TYR A 318 -27.24 -7.58 24.34
CA TYR A 318 -26.90 -6.49 23.43
C TYR A 318 -25.40 -6.15 23.47
N ILE A 319 -24.92 -5.77 24.66
CA ILE A 319 -23.60 -5.16 24.77
C ILE A 319 -22.52 -6.12 24.28
N GLN A 320 -22.60 -7.39 24.70
CA GLN A 320 -21.60 -8.36 24.26
C GLN A 320 -21.61 -8.54 22.75
N LYS A 321 -22.77 -8.41 22.11
CA LYS A 321 -22.83 -8.49 20.66
C LYS A 321 -22.16 -7.29 20.01
N TYR A 322 -22.31 -6.10 20.61
CA TYR A 322 -21.60 -4.94 20.10
C TYR A 322 -20.09 -5.11 20.27
N LEU A 323 -19.66 -5.59 21.44
CA LEU A 323 -18.24 -5.80 21.69
C LEU A 323 -17.64 -6.76 20.67
N GLU A 324 -18.35 -7.87 20.39
CA GLU A 324 -17.82 -8.85 19.45
C GLU A 324 -17.75 -8.28 18.04
N ARG A 325 -18.76 -7.50 17.63
CA ARG A 325 -18.77 -6.95 16.28
C ARG A 325 -17.74 -5.84 16.13
N ALA A 326 -17.56 -5.00 17.15
CA ALA A 326 -16.53 -3.97 17.09
C ALA A 326 -15.15 -4.60 16.96
N ARG A 327 -14.88 -5.61 17.77
CA ARG A 327 -13.61 -6.33 17.70
C ARG A 327 -13.40 -6.96 16.32
N SER A 328 -14.46 -7.56 15.77
CA SER A 328 -14.35 -8.20 14.48
C SER A 328 -14.07 -7.19 13.37
N THR A 329 -14.69 -6.02 13.44
CA THR A 329 -14.41 -4.98 12.45
C THR A 329 -12.96 -4.52 12.53
N LEU A 330 -12.44 -4.32 13.73
CA LEU A 330 -11.06 -3.88 13.90
C LEU A 330 -10.08 -4.93 13.40
N GLN A 331 -10.34 -6.21 13.67
CA GLN A 331 -9.45 -7.27 13.22
C GLN A 331 -9.45 -7.38 11.70
N LYS A 332 -10.58 -7.11 11.05
CA LYS A 332 -10.61 -7.07 9.59
C LYS A 332 -9.79 -5.90 9.05
N GLU A 333 -9.82 -4.75 9.73
CA GLU A 333 -8.99 -3.61 9.31
C GLU A 333 -7.50 -3.91 9.52
N VAL A 334 -7.14 -4.56 10.62
CA VAL A 334 -5.76 -5.00 10.79
C VAL A 334 -5.36 -5.93 9.64
N HIS A 335 -6.22 -6.90 9.32
CA HIS A 335 -5.89 -7.86 8.27
C HIS A 335 -5.72 -7.16 6.93
N ALA A 336 -6.62 -6.22 6.62
CA ALA A 336 -6.54 -5.49 5.36
C ALA A 336 -5.29 -4.63 5.30
N ALA A 337 -4.93 -3.97 6.42
CA ALA A 337 -3.73 -3.15 6.44
C ALA A 337 -2.49 -4.01 6.30
N LYS A 338 -2.49 -5.22 6.87
N LYS A 338 -2.50 -5.22 6.89
CA LYS A 338 -1.35 -6.11 6.69
CA LYS A 338 -1.37 -6.13 6.69
C LYS A 338 -1.19 -6.52 5.23
C LYS A 338 -1.20 -6.48 5.23
N SER A 339 -2.30 -6.78 4.54
CA SER A 339 -2.22 -7.11 3.12
C SER A 339 -1.63 -5.96 2.32
N ALA A 340 -2.11 -4.73 2.54
CA ALA A 340 -1.54 -3.57 1.87
C ALA A 340 -0.06 -3.39 2.21
N ALA A 341 0.31 -3.54 3.49
CA ALA A 341 1.71 -3.37 3.87
C ALA A 341 2.61 -4.41 3.22
N ILE A 342 2.10 -5.64 3.03
CA ILE A 342 2.88 -6.67 2.34
C ILE A 342 3.20 -6.21 0.92
N ILE A 343 2.22 -5.63 0.23
N ILE A 343 2.18 -5.67 0.24
CA ILE A 343 2.47 -5.20 -1.14
CA ILE A 343 2.35 -5.13 -1.12
C ILE A 343 3.47 -4.05 -1.19
C ILE A 343 3.45 -4.08 -1.15
N ALA A 344 3.38 -3.11 -0.23
CA ALA A 344 4.39 -2.05 -0.18
C ALA A 344 5.77 -2.61 0.16
N GLY A 345 5.84 -3.58 1.08
CA GLY A 345 7.12 -4.18 1.41
C GLY A 345 7.72 -4.96 0.24
N LEU A 346 6.87 -5.61 -0.55
CA LEU A 346 7.38 -6.35 -1.71
C LEU A 346 7.85 -5.42 -2.81
N PHE A 347 7.22 -4.27 -2.96
CA PHE A 347 7.76 -3.25 -3.86
C PHE A 347 9.18 -2.86 -3.44
N ALA A 348 9.37 -2.61 -2.15
CA ALA A 348 10.70 -2.24 -1.65
C ALA A 348 11.71 -3.38 -1.86
N LEU A 349 11.31 -4.61 -1.55
N LEU A 349 11.32 -4.62 -1.56
CA LEU A 349 12.22 -5.75 -1.71
CA LEU A 349 12.25 -5.73 -1.71
C LEU A 349 12.64 -5.93 -3.16
C LEU A 349 12.65 -5.93 -3.17
N CYS A 350 11.72 -5.74 -4.11
CA CYS A 350 12.02 -5.97 -5.52
C CYS A 350 12.85 -4.84 -6.14
N TRP A 351 12.70 -3.60 -5.67
CA TRP A 351 13.40 -2.47 -6.27
C TRP A 351 14.69 -2.09 -5.55
N LEU A 352 14.82 -2.41 -4.26
CA LEU A 352 16.02 -1.99 -3.53
C LEU A 352 17.31 -2.53 -4.12
N PRO A 353 17.41 -3.78 -4.59
CA PRO A 353 18.72 -4.25 -5.11
C PRO A 353 19.25 -3.37 -6.21
N LEU A 354 18.40 -3.00 -7.18
CA LEU A 354 18.85 -2.14 -8.27
C LEU A 354 19.31 -0.78 -7.75
N HIS A 355 18.55 -0.18 -6.83
CA HIS A 355 18.96 1.11 -6.27
C HIS A 355 20.26 0.98 -5.49
N ILE A 356 20.41 -0.09 -4.74
CA ILE A 356 21.63 -0.28 -3.96
C ILE A 356 22.84 -0.43 -4.87
N ILE A 357 22.67 -1.16 -5.98
CA ILE A 357 23.78 -1.28 -6.94
C ILE A 357 24.17 0.10 -7.47
N ASN A 358 23.17 0.92 -7.81
CA ASN A 358 23.49 2.29 -8.25
C ASN A 358 24.26 3.04 -7.17
N CYS A 359 23.91 2.84 -5.90
CA CYS A 359 24.68 3.52 -4.85
C CYS A 359 26.15 3.09 -4.85
N PHE A 360 26.43 1.78 -5.05
CA PHE A 360 27.81 1.32 -5.13
C PHE A 360 28.53 1.93 -6.33
N THR A 361 27.89 1.90 -7.49
CA THR A 361 28.49 2.50 -8.68
C THR A 361 28.86 3.96 -8.42
N PHE A 362 27.92 4.70 -7.83
CA PHE A 362 28.06 6.15 -7.64
C PHE A 362 29.03 6.50 -6.51
N PHE A 363 28.83 5.90 -5.33
CA PHE A 363 29.62 6.27 -4.14
C PHE A 363 30.97 5.59 -4.05
N CYS A 364 31.19 4.48 -4.77
CA CYS A 364 32.45 3.74 -4.70
C CYS A 364 33.06 3.58 -6.10
N PRO A 365 33.56 4.67 -6.67
CA PRO A 365 34.24 4.56 -7.98
C PRO A 365 35.49 3.71 -7.95
N ASP A 366 36.06 3.43 -6.78
CA ASP A 366 37.17 2.48 -6.65
C ASP A 366 36.73 1.02 -6.64
N CYS A 367 35.43 0.75 -6.44
CA CYS A 367 34.92 -0.62 -6.50
C CYS A 367 34.65 -0.98 -7.96
N SER A 368 35.00 -2.20 -8.35
N SER A 368 35.00 -2.20 -8.35
CA SER A 368 34.62 -2.67 -9.68
CA SER A 368 34.65 -2.64 -9.69
C SER A 368 33.11 -2.60 -9.85
C SER A 368 33.14 -2.65 -9.87
N HIS A 369 32.68 -2.19 -11.04
CA HIS A 369 31.26 -2.09 -11.31
C HIS A 369 30.59 -3.46 -11.10
N ALA A 370 29.42 -3.46 -10.47
CA ALA A 370 28.63 -4.68 -10.41
C ALA A 370 28.56 -5.32 -11.79
N PRO A 371 28.70 -6.63 -11.90
CA PRO A 371 28.83 -7.25 -13.22
C PRO A 371 27.50 -7.26 -13.97
N LEU A 372 27.63 -7.42 -15.30
CA LEU A 372 26.48 -7.38 -16.19
C LEU A 372 25.39 -8.38 -15.75
N TRP A 373 25.78 -9.62 -15.40
CA TRP A 373 24.75 -10.61 -15.08
C TRP A 373 23.96 -10.20 -13.83
N LEU A 374 24.63 -9.56 -12.87
CA LEU A 374 23.97 -9.11 -11.64
C LEU A 374 23.01 -7.95 -11.92
N MET A 375 23.43 -7.01 -12.77
CA MET A 375 22.52 -5.92 -13.13
C MET A 375 21.26 -6.48 -13.75
N TYR A 376 21.41 -7.44 -14.67
CA TYR A 376 20.22 -7.94 -15.33
C TYR A 376 19.36 -8.73 -14.35
N LEU A 377 19.98 -9.43 -13.41
N LEU A 377 19.99 -9.42 -13.40
CA LEU A 377 19.20 -10.05 -12.34
CA LEU A 377 19.21 -10.06 -12.33
C LEU A 377 18.41 -9.00 -11.58
C LEU A 377 18.44 -9.02 -11.53
N ALA A 378 19.07 -7.89 -11.20
CA ALA A 378 18.39 -6.85 -10.44
C ALA A 378 17.27 -6.21 -11.26
N ILE A 379 17.47 -6.05 -12.57
CA ILE A 379 16.43 -5.48 -13.43
C ILE A 379 15.24 -6.42 -13.52
N VAL A 380 15.51 -7.71 -13.73
N VAL A 380 15.49 -7.71 -13.71
CA VAL A 380 14.45 -8.71 -13.81
CA VAL A 380 14.33 -8.60 -13.84
C VAL A 380 13.66 -8.75 -12.52
C VAL A 380 13.62 -8.74 -12.50
N LEU A 381 14.35 -8.67 -11.38
CA LEU A 381 13.69 -8.70 -10.08
C LEU A 381 12.77 -7.50 -9.91
N ALA A 382 13.23 -6.31 -10.30
CA ALA A 382 12.37 -5.13 -10.25
C ALA A 382 11.13 -5.36 -11.09
N HIS A 383 11.30 -5.91 -12.30
CA HIS A 383 10.16 -6.12 -13.17
C HIS A 383 9.20 -7.16 -12.61
N THR A 384 9.72 -8.15 -11.89
N THR A 384 9.69 -8.18 -11.91
CA THR A 384 8.88 -9.21 -11.32
CA THR A 384 8.79 -9.21 -11.38
C THR A 384 7.88 -8.65 -10.33
C THR A 384 7.87 -8.66 -10.31
N ASN A 385 8.18 -7.50 -9.73
CA ASN A 385 7.23 -6.90 -8.81
C ASN A 385 5.89 -6.63 -9.49
N SER A 386 5.91 -6.38 -10.80
CA SER A 386 4.67 -6.14 -11.51
C SER A 386 3.83 -7.41 -11.68
N VAL A 387 4.34 -8.57 -11.27
CA VAL A 387 3.63 -9.85 -11.34
C VAL A 387 2.94 -10.16 -10.01
N VAL A 388 3.53 -9.68 -8.89
CA VAL A 388 3.17 -10.30 -7.61
C VAL A 388 1.86 -9.80 -7.00
N ASN A 389 1.46 -8.53 -7.21
CA ASN A 389 0.29 -8.03 -6.48
C ASN A 389 -1.00 -8.83 -6.73
N PRO A 390 -1.36 -9.25 -7.94
CA PRO A 390 -2.58 -10.06 -8.09
C PRO A 390 -2.59 -11.33 -7.23
N PHE A 391 -1.42 -11.94 -7.00
CA PHE A 391 -1.35 -13.12 -6.13
C PHE A 391 -1.62 -12.76 -4.67
N ILE A 392 -1.06 -11.64 -4.21
CA ILE A 392 -1.35 -11.19 -2.84
C ILE A 392 -2.84 -10.92 -2.67
N TYR A 393 -3.47 -10.23 -3.64
CA TYR A 393 -4.91 -10.01 -3.54
C TYR A 393 -5.67 -11.33 -3.51
N ALA A 394 -5.27 -12.28 -4.37
CA ALA A 394 -5.98 -13.54 -4.46
C ALA A 394 -5.84 -14.36 -3.18
N TYR A 395 -4.66 -14.31 -2.54
CA TYR A 395 -4.44 -15.14 -1.36
C TYR A 395 -4.97 -14.49 -0.08
N ARG A 396 -5.06 -13.17 -0.04
CA ARG A 396 -5.36 -12.48 1.20
C ARG A 396 -6.70 -11.77 1.23
N ILE A 397 -7.37 -11.58 0.09
CA ILE A 397 -8.60 -10.80 0.06
C ILE A 397 -9.69 -11.64 -0.59
N ARG A 398 -10.60 -12.15 0.25
CA ARG A 398 -11.61 -13.09 -0.21
C ARG A 398 -12.44 -12.52 -1.37
N GLU A 399 -12.80 -11.25 -1.28
CA GLU A 399 -13.65 -10.66 -2.32
C GLU A 399 -12.94 -10.62 -3.68
N PHE A 400 -11.62 -10.39 -3.69
CA PHE A 400 -10.86 -10.51 -4.94
C PHE A 400 -10.80 -11.96 -5.41
N ARG A 401 -10.44 -12.87 -4.50
CA ARG A 401 -10.29 -14.27 -4.84
C ARG A 401 -11.57 -14.82 -5.46
N GLN A 402 -12.72 -14.55 -4.84
CA GLN A 402 -14.00 -15.06 -5.35
C GLN A 402 -14.34 -14.45 -6.71
N THR A 403 -14.04 -13.16 -6.91
CA THR A 403 -14.31 -12.53 -8.20
C THR A 403 -13.38 -13.07 -9.28
N PHE A 404 -12.09 -13.27 -8.96
CA PHE A 404 -11.18 -13.94 -9.88
C PHE A 404 -11.72 -15.30 -10.32
N ARG A 405 -12.20 -16.09 -9.36
CA ARG A 405 -12.76 -17.40 -9.69
C ARG A 405 -13.93 -17.26 -10.67
N LYS A 406 -14.83 -16.31 -10.42
CA LYS A 406 -15.97 -16.13 -11.30
C LYS A 406 -15.53 -15.75 -12.71
N ILE A 407 -14.59 -14.82 -12.83
CA ILE A 407 -14.11 -14.39 -14.15
C ILE A 407 -13.44 -15.55 -14.87
N ILE A 408 -12.55 -16.26 -14.18
CA ILE A 408 -11.84 -17.37 -14.81
C ILE A 408 -12.82 -18.47 -15.21
N ARG A 409 -13.74 -18.83 -14.31
CA ARG A 409 -14.68 -19.91 -14.62
C ARG A 409 -15.62 -19.51 -15.74
N SER A 410 -16.13 -18.29 -15.71
CA SER A 410 -17.09 -17.85 -16.72
C SER A 410 -16.46 -17.49 -18.06
N HIS A 411 -15.15 -17.19 -18.09
CA HIS A 411 -14.54 -16.63 -19.29
C HIS A 411 -13.28 -17.33 -19.77
N VAL A 412 -12.68 -18.23 -18.99
CA VAL A 412 -11.60 -19.07 -19.51
C VAL A 412 -11.79 -20.52 -19.05
#